data_8T89
# 
_entry.id   8T89 
# 
_audit_conform.dict_name       mmcif_pdbx.dic 
_audit_conform.dict_version    5.382 
_audit_conform.dict_location   http://mmcif.pdb.org/dictionaries/ascii/mmcif_pdbx.dic 
# 
loop_
_database_2.database_id 
_database_2.database_code 
_database_2.pdbx_database_accession 
_database_2.pdbx_DOI 
PDB   8T89         pdb_00008t89 10.2210/pdb8t89/pdb 
WWPDB D_1000275465 ?            ?                   
# 
_pdbx_database_status.status_code                     REL 
_pdbx_database_status.status_code_sf                  REL 
_pdbx_database_status.status_code_mr                  ? 
_pdbx_database_status.entry_id                        8T89 
_pdbx_database_status.recvd_initial_deposition_date   2023-06-22 
_pdbx_database_status.SG_entry                        N 
_pdbx_database_status.deposit_site                    RCSB 
_pdbx_database_status.process_site                    RCSB 
_pdbx_database_status.status_code_cs                  ? 
_pdbx_database_status.status_code_nmr_data            ? 
_pdbx_database_status.methods_development_category    ? 
_pdbx_database_status.pdb_format_compatible           Y 
# 
loop_
_audit_author.name 
_audit_author.pdbx_ordinal 
_audit_author.identifier_ORCID 
'Sawaya, M.R.'   1 0000-0003-0874-9043 
'Raskatov, J.A.' 2 0000-0002-0082-9113 
'Hazari, A.'     3 0009-0005-2071-1322 
# 
_citation.abstract                  ? 
_citation.abstract_id_CAS           ? 
_citation.book_id_ISBN              ? 
_citation.book_publisher            ? 
_citation.book_publisher_city       ? 
_citation.book_title                ? 
_citation.coordinate_linkage        ? 
_citation.country                   US 
_citation.database_id_Medline       ? 
_citation.details                   ? 
_citation.id                        primary 
_citation.journal_abbrev            J.Am.Chem.Soc. 
_citation.journal_id_ASTM           JACSAT 
_citation.journal_id_CSD            ? 
_citation.journal_id_ISSN           1520-5126 
_citation.journal_full              ? 
_citation.journal_issue             ? 
_citation.journal_volume            145 
_citation.language                  ? 
_citation.page_first                25917 
_citation.page_last                 25926 
_citation.title                     
'Racemic Peptides from Amyloid beta and Amylin Form Rippled beta-Sheets Rather Than Pleated beta-Sheets.' 
_citation.year                      2023 
_citation.database_id_CSD           ? 
_citation.pdbx_database_id_DOI      10.1021/jacs.3c11712 
_citation.pdbx_database_id_PubMed   37972334 
_citation.pdbx_database_id_patent   ? 
_citation.unpublished_flag          ? 
# 
loop_
_citation_author.citation_id 
_citation_author.name 
_citation_author.ordinal 
_citation_author.identifier_ORCID 
primary 'Hazari, A.'     1 ? 
primary 'Sawaya, M.R.'   2 ? 
primary 'Sajimon, M.'    3 ? 
primary 'Vlahakis, N.'   4 ? 
primary 'Rodriguez, J.'  5 ? 
primary 'Eisenberg, D.'  6 ? 
primary 'Raskatov, J.A.' 7 ? 
# 
_cell.angle_alpha                  89.955 
_cell.angle_alpha_esd              ? 
_cell.angle_beta                   91.778 
_cell.angle_beta_esd               ? 
_cell.angle_gamma                  110.506 
_cell.angle_gamma_esd              ? 
_cell.entry_id                     8T89 
_cell.details                      ? 
_cell.formula_units_Z              ? 
_cell.length_a                     11.690 
_cell.length_a_esd                 ? 
_cell.length_b                     11.700 
_cell.length_b_esd                 ? 
_cell.length_c                     18.510 
_cell.length_c_esd                 ? 
_cell.volume                       ? 
_cell.volume_esd                   ? 
_cell.Z_PDB                        2 
_cell.reciprocal_angle_alpha       ? 
_cell.reciprocal_angle_beta        ? 
_cell.reciprocal_angle_gamma       ? 
_cell.reciprocal_angle_alpha_esd   ? 
_cell.reciprocal_angle_beta_esd    ? 
_cell.reciprocal_angle_gamma_esd   ? 
_cell.reciprocal_length_a          ? 
_cell.reciprocal_length_b          ? 
_cell.reciprocal_length_c          ? 
_cell.reciprocal_length_a_esd      ? 
_cell.reciprocal_length_b_esd      ? 
_cell.reciprocal_length_c_esd      ? 
_cell.pdbx_unique_axis             ? 
_cell.pdbx_esd_method              ? 
# 
_symmetry.entry_id                         8T89 
_symmetry.cell_setting                     ? 
_symmetry.Int_Tables_number                2 
_symmetry.space_group_name_Hall            ? 
_symmetry.space_group_name_H-M             'P -1' 
_symmetry.pdbx_full_space_group_name_H-M   ? 
# 
loop_
_entity.id 
_entity.type 
_entity.src_method 
_entity.pdbx_description 
_entity.formula_weight 
_entity.pdbx_number_of_molecules 
_entity.pdbx_ec 
_entity.pdbx_mutation 
_entity.pdbx_fragment 
_entity.details 
1 polymer     syn 'Racemic mixture of amyloid beta segment 16-KLVFFA-21' 724.909 1 ? ? ? ? 
2 non-polymer syn 'trifluoroacetic acid'                                 114.023 1 ? ? ? ? 
3 water       nat water                                                  18.015  2 ? ? ? ? 
# 
_entity_poly.entity_id                      1 
_entity_poly.type                           'polypeptide(L)' 
_entity_poly.nstd_linkage                   no 
_entity_poly.nstd_monomer                   no 
_entity_poly.pdbx_seq_one_letter_code       KLVFFA 
_entity_poly.pdbx_seq_one_letter_code_can   KLVFFA 
_entity_poly.pdbx_strand_id                 A 
_entity_poly.pdbx_target_identifier         ? 
# 
loop_
_entity_poly_seq.entity_id 
_entity_poly_seq.num 
_entity_poly_seq.mon_id 
_entity_poly_seq.hetero 
1 1 LYS n 
1 2 LEU n 
1 3 VAL n 
1 4 PHE n 
1 5 PHE n 
1 6 ALA n 
# 
_pdbx_entity_src_syn.entity_id              1 
_pdbx_entity_src_syn.pdbx_src_id            1 
_pdbx_entity_src_syn.pdbx_alt_source_flag   sample 
_pdbx_entity_src_syn.pdbx_beg_seq_num       1 
_pdbx_entity_src_syn.pdbx_end_seq_num       6 
_pdbx_entity_src_syn.organism_scientific    'Homo sapiens' 
_pdbx_entity_src_syn.organism_common_name   ? 
_pdbx_entity_src_syn.ncbi_taxonomy_id       9606 
_pdbx_entity_src_syn.details                ? 
# 
_struct_ref.id                         1 
_struct_ref.db_name                    PDB 
_struct_ref.db_code                    8T89 
_struct_ref.pdbx_db_accession          8T89 
_struct_ref.pdbx_db_isoform            ? 
_struct_ref.entity_id                  1 
_struct_ref.pdbx_seq_one_letter_code   ? 
_struct_ref.pdbx_align_begin           1 
# 
_struct_ref_seq.align_id                      1 
_struct_ref_seq.ref_id                        1 
_struct_ref_seq.pdbx_PDB_id_code              8T89 
_struct_ref_seq.pdbx_strand_id                A 
_struct_ref_seq.seq_align_beg                 1 
_struct_ref_seq.pdbx_seq_align_beg_ins_code   ? 
_struct_ref_seq.seq_align_end                 6 
_struct_ref_seq.pdbx_seq_align_end_ins_code   ? 
_struct_ref_seq.pdbx_db_accession             8T89 
_struct_ref_seq.db_align_beg                  16 
_struct_ref_seq.pdbx_db_align_beg_ins_code    ? 
_struct_ref_seq.db_align_end                  21 
_struct_ref_seq.pdbx_db_align_end_ins_code    ? 
_struct_ref_seq.pdbx_auth_seq_align_beg       16 
_struct_ref_seq.pdbx_auth_seq_align_end       21 
# 
loop_
_chem_comp.id 
_chem_comp.type 
_chem_comp.mon_nstd_flag 
_chem_comp.name 
_chem_comp.pdbx_synonyms 
_chem_comp.formula 
_chem_comp.formula_weight 
ALA 'L-peptide linking' y ALANINE                ? 'C3 H7 N O2'     89.093  
HOH non-polymer         . WATER                  ? 'H2 O'           18.015  
LEU 'L-peptide linking' y LEUCINE                ? 'C6 H13 N O2'    131.173 
LYS 'L-peptide linking' y LYSINE                 ? 'C6 H15 N2 O2 1' 147.195 
PHE 'L-peptide linking' y PHENYLALANINE          ? 'C9 H11 N O2'    165.189 
TFA non-polymer         . 'trifluoroacetic acid' ? 'C2 H F3 O2'     114.023 
VAL 'L-peptide linking' y VALINE                 ? 'C5 H11 N O2'    117.146 
# 
_exptl.absorpt_coefficient_mu     ? 
_exptl.absorpt_correction_T_max   ? 
_exptl.absorpt_correction_T_min   ? 
_exptl.absorpt_correction_type    ? 
_exptl.absorpt_process_details    ? 
_exptl.entry_id                   8T89 
_exptl.crystals_number            1 
_exptl.details                    ? 
_exptl.method                     'X-RAY DIFFRACTION' 
_exptl.method_details             ? 
# 
_exptl_crystal.colour                       ? 
_exptl_crystal.density_diffrn               ? 
_exptl_crystal.density_Matthews             1.63 
_exptl_crystal.density_method               ? 
_exptl_crystal.density_percent_sol          24.76 
_exptl_crystal.description                  needle-shaped 
_exptl_crystal.F_000                        ? 
_exptl_crystal.id                           1 
_exptl_crystal.preparation                  ? 
_exptl_crystal.size_max                     ? 
_exptl_crystal.size_mid                     ? 
_exptl_crystal.size_min                     ? 
_exptl_crystal.size_rad                     ? 
_exptl_crystal.colour_lustre                ? 
_exptl_crystal.colour_modifier              ? 
_exptl_crystal.colour_primary               ? 
_exptl_crystal.density_meas                 ? 
_exptl_crystal.density_meas_esd             ? 
_exptl_crystal.density_meas_gt              ? 
_exptl_crystal.density_meas_lt              ? 
_exptl_crystal.density_meas_temp            ? 
_exptl_crystal.density_meas_temp_esd        ? 
_exptl_crystal.density_meas_temp_gt         ? 
_exptl_crystal.density_meas_temp_lt         ? 
_exptl_crystal.pdbx_crystal_image_url       ? 
_exptl_crystal.pdbx_crystal_image_format    ? 
_exptl_crystal.pdbx_mosaicity               ? 
_exptl_crystal.pdbx_mosaicity_esd           ? 
_exptl_crystal.pdbx_mosaic_method           ? 
_exptl_crystal.pdbx_mosaic_block_size       ? 
_exptl_crystal.pdbx_mosaic_block_size_esd   ? 
# 
_exptl_crystal_grow.apparatus       ? 
_exptl_crystal_grow.atmosphere      ? 
_exptl_crystal_grow.crystal_id      1 
_exptl_crystal_grow.details         ? 
_exptl_crystal_grow.method          'BATCH MODE' 
_exptl_crystal_grow.method_ref      ? 
_exptl_crystal_grow.pH              ? 
_exptl_crystal_grow.pressure        ? 
_exptl_crystal_grow.pressure_esd    ? 
_exptl_crystal_grow.seeding         ? 
_exptl_crystal_grow.seeding_ref     ? 
_exptl_crystal_grow.temp_details    ? 
_exptl_crystal_grow.temp_esd        ? 
_exptl_crystal_grow.time            ? 
_exptl_crystal_grow.pdbx_details    'hexafluoroisopropanol, water' 
_exptl_crystal_grow.pdbx_pH_range   ? 
_exptl_crystal_grow.temp            298 
# 
_diffrn.ambient_environment              ? 
_diffrn.ambient_temp                     100 
_diffrn.ambient_temp_details             ? 
_diffrn.ambient_temp_esd                 ? 
_diffrn.crystal_id                       1 
_diffrn.crystal_support                  ? 
_diffrn.crystal_treatment                ? 
_diffrn.details                          ? 
_diffrn.id                               1 
_diffrn.ambient_pressure                 ? 
_diffrn.ambient_pressure_esd             ? 
_diffrn.ambient_pressure_gt              ? 
_diffrn.ambient_pressure_lt              ? 
_diffrn.ambient_temp_gt                  ? 
_diffrn.ambient_temp_lt                  ? 
_diffrn.pdbx_serial_crystal_experiment   N 
# 
_diffrn_detector.details                      ? 
_diffrn_detector.detector                     PIXEL 
_diffrn_detector.diffrn_id                    1 
_diffrn_detector.type                         'DECTRIS EIGER X 16M' 
_diffrn_detector.area_resol_mean              ? 
_diffrn_detector.dtime                        ? 
_diffrn_detector.pdbx_frames_total            ? 
_diffrn_detector.pdbx_collection_time_total   ? 
_diffrn_detector.pdbx_collection_date         2023-03-31 
_diffrn_detector.pdbx_frequency               ? 
_diffrn_detector.id                           ? 
_diffrn_detector.number_of_axes               ? 
# 
_diffrn_radiation.collimation                      ? 
_diffrn_radiation.diffrn_id                        1 
_diffrn_radiation.filter_edge                      ? 
_diffrn_radiation.inhomogeneity                    ? 
_diffrn_radiation.monochromator                    ? 
_diffrn_radiation.polarisn_norm                    ? 
_diffrn_radiation.polarisn_ratio                   ? 
_diffrn_radiation.probe                            ? 
_diffrn_radiation.type                             ? 
_diffrn_radiation.xray_symbol                      ? 
_diffrn_radiation.wavelength_id                    1 
_diffrn_radiation.pdbx_monochromatic_or_laue_m_l   M 
_diffrn_radiation.pdbx_wavelength_list             ? 
_diffrn_radiation.pdbx_wavelength                  ? 
_diffrn_radiation.pdbx_diffrn_protocol             'SINGLE WAVELENGTH' 
_diffrn_radiation.pdbx_analyzer                    ? 
_diffrn_radiation.pdbx_scattering_type             x-ray 
# 
_diffrn_radiation_wavelength.id           1 
_diffrn_radiation_wavelength.wavelength   0.97918 
_diffrn_radiation_wavelength.wt           1.0 
# 
_diffrn_source.current                     ? 
_diffrn_source.details                     ? 
_diffrn_source.diffrn_id                   1 
_diffrn_source.power                       ? 
_diffrn_source.size                        ? 
_diffrn_source.source                      SYNCHROTRON 
_diffrn_source.target                      ? 
_diffrn_source.type                        'APS BEAMLINE 24-ID-E' 
_diffrn_source.voltage                     ? 
_diffrn_source.take-off_angle              ? 
_diffrn_source.pdbx_wavelength_list        0.97918 
_diffrn_source.pdbx_wavelength             ? 
_diffrn_source.pdbx_synchrotron_beamline   24-ID-E 
_diffrn_source.pdbx_synchrotron_site       APS 
# 
_reflns.B_iso_Wilson_estimate                          ? 
_reflns.entry_id                                       8T89 
_reflns.data_reduction_details                         ? 
_reflns.data_reduction_method                          ? 
_reflns.d_resolution_high                              1.5 
_reflns.d_resolution_low                               18.50 
_reflns.details                                        ? 
_reflns.limit_h_max                                    ? 
_reflns.limit_h_min                                    ? 
_reflns.limit_k_max                                    ? 
_reflns.limit_k_min                                    ? 
_reflns.limit_l_max                                    ? 
_reflns.limit_l_min                                    ? 
_reflns.number_all                                     ? 
_reflns.number_obs                                     1426 
_reflns.observed_criterion                             ? 
_reflns.observed_criterion_F_max                       ? 
_reflns.observed_criterion_F_min                       ? 
_reflns.observed_criterion_I_max                       ? 
_reflns.observed_criterion_I_min                       ? 
_reflns.observed_criterion_sigma_F                     ? 
_reflns.observed_criterion_sigma_I                     ? 
_reflns.percent_possible_obs                           97.0 
_reflns.R_free_details                                 ? 
_reflns.Rmerge_F_all                                   ? 
_reflns.Rmerge_F_obs                                   ? 
_reflns.Friedel_coverage                               ? 
_reflns.number_gt                                      ? 
_reflns.threshold_expression                           ? 
_reflns.pdbx_redundancy                                6.0 
_reflns.pdbx_netI_over_av_sigmaI                       ? 
_reflns.pdbx_netI_over_sigmaI                          4.49 
_reflns.pdbx_res_netI_over_av_sigmaI_2                 ? 
_reflns.pdbx_res_netI_over_sigmaI_2                    ? 
_reflns.pdbx_chi_squared                               ? 
_reflns.pdbx_scaling_rejects                           ? 
_reflns.pdbx_d_res_high_opt                            ? 
_reflns.pdbx_d_res_low_opt                             ? 
_reflns.pdbx_d_res_opt_method                          ? 
_reflns.phase_calculation_details                      ? 
_reflns.pdbx_Rrim_I_all                                0.172 
_reflns.pdbx_Rpim_I_all                                ? 
_reflns.pdbx_d_opt                                     ? 
_reflns.pdbx_number_measured_all                       ? 
_reflns.pdbx_diffrn_id                                 1 
_reflns.pdbx_ordinal                                   1 
_reflns.pdbx_CC_half                                   0.997 
_reflns.pdbx_CC_star                                   ? 
_reflns.pdbx_R_split                                   ? 
_reflns.pdbx_Rmerge_I_obs                              0.157 
_reflns.pdbx_Rmerge_I_all                              ? 
_reflns.pdbx_Rsym_value                                ? 
_reflns.pdbx_CC_split_method                           ? 
_reflns.pdbx_aniso_diffraction_limit_axis_1_ortho[1]   ? 
_reflns.pdbx_aniso_diffraction_limit_axis_1_ortho[2]   ? 
_reflns.pdbx_aniso_diffraction_limit_axis_1_ortho[3]   ? 
_reflns.pdbx_aniso_diffraction_limit_axis_2_ortho[1]   ? 
_reflns.pdbx_aniso_diffraction_limit_axis_2_ortho[2]   ? 
_reflns.pdbx_aniso_diffraction_limit_axis_2_ortho[3]   ? 
_reflns.pdbx_aniso_diffraction_limit_axis_3_ortho[1]   ? 
_reflns.pdbx_aniso_diffraction_limit_axis_3_ortho[2]   ? 
_reflns.pdbx_aniso_diffraction_limit_axis_3_ortho[3]   ? 
_reflns.pdbx_aniso_diffraction_limit_1                 ? 
_reflns.pdbx_aniso_diffraction_limit_2                 ? 
_reflns.pdbx_aniso_diffraction_limit_3                 ? 
_reflns.pdbx_aniso_B_tensor_eigenvector_1_ortho[1]     ? 
_reflns.pdbx_aniso_B_tensor_eigenvector_1_ortho[2]     ? 
_reflns.pdbx_aniso_B_tensor_eigenvector_1_ortho[3]     ? 
_reflns.pdbx_aniso_B_tensor_eigenvector_2_ortho[1]     ? 
_reflns.pdbx_aniso_B_tensor_eigenvector_2_ortho[2]     ? 
_reflns.pdbx_aniso_B_tensor_eigenvector_2_ortho[3]     ? 
_reflns.pdbx_aniso_B_tensor_eigenvector_3_ortho[1]     ? 
_reflns.pdbx_aniso_B_tensor_eigenvector_3_ortho[2]     ? 
_reflns.pdbx_aniso_B_tensor_eigenvector_3_ortho[3]     ? 
_reflns.pdbx_aniso_B_tensor_eigenvalue_1               ? 
_reflns.pdbx_aniso_B_tensor_eigenvalue_2               ? 
_reflns.pdbx_aniso_B_tensor_eigenvalue_3               ? 
_reflns.pdbx_orthogonalization_convention              ? 
_reflns.pdbx_percent_possible_ellipsoidal              ? 
_reflns.pdbx_percent_possible_spherical                ? 
_reflns.pdbx_percent_possible_ellipsoidal_anomalous    ? 
_reflns.pdbx_percent_possible_spherical_anomalous      ? 
_reflns.pdbx_redundancy_anomalous                      ? 
_reflns.pdbx_CC_half_anomalous                         ? 
_reflns.pdbx_absDiff_over_sigma_anomalous              ? 
_reflns.pdbx_percent_possible_anomalous                ? 
_reflns.pdbx_observed_signal_threshold                 ? 
_reflns.pdbx_signal_type                               ? 
_reflns.pdbx_signal_details                            ? 
_reflns.pdbx_signal_software_id                        ? 
# 
loop_
_reflns_shell.d_res_high 
_reflns_shell.d_res_low 
_reflns_shell.meanI_over_sigI_all 
_reflns_shell.meanI_over_sigI_obs 
_reflns_shell.number_measured_all 
_reflns_shell.number_measured_obs 
_reflns_shell.number_possible 
_reflns_shell.number_unique_all 
_reflns_shell.number_unique_obs 
_reflns_shell.percent_possible_obs 
_reflns_shell.Rmerge_F_all 
_reflns_shell.Rmerge_F_obs 
_reflns_shell.meanI_over_sigI_gt 
_reflns_shell.meanI_over_uI_all 
_reflns_shell.meanI_over_uI_gt 
_reflns_shell.number_measured_gt 
_reflns_shell.number_unique_gt 
_reflns_shell.percent_possible_gt 
_reflns_shell.Rmerge_F_gt 
_reflns_shell.Rmerge_I_gt 
_reflns_shell.pdbx_redundancy 
_reflns_shell.pdbx_chi_squared 
_reflns_shell.pdbx_netI_over_sigmaI_all 
_reflns_shell.pdbx_netI_over_sigmaI_obs 
_reflns_shell.pdbx_Rrim_I_all 
_reflns_shell.pdbx_Rpim_I_all 
_reflns_shell.pdbx_rejects 
_reflns_shell.pdbx_ordinal 
_reflns_shell.pdbx_diffrn_id 
_reflns_shell.pdbx_CC_half 
_reflns_shell.pdbx_CC_star 
_reflns_shell.pdbx_R_split 
_reflns_shell.percent_possible_all 
_reflns_shell.Rmerge_I_all 
_reflns_shell.Rmerge_I_obs 
_reflns_shell.pdbx_Rsym_value 
_reflns_shell.pdbx_percent_possible_ellipsoidal 
_reflns_shell.pdbx_percent_possible_spherical 
_reflns_shell.pdbx_percent_possible_ellipsoidal_anomalous 
_reflns_shell.pdbx_percent_possible_spherical_anomalous 
_reflns_shell.pdbx_redundancy_anomalous 
_reflns_shell.pdbx_CC_half_anomalous 
_reflns_shell.pdbx_absDiff_over_sigma_anomalous 
_reflns_shell.pdbx_percent_possible_anomalous 
1.50 1.56  ? ? ? ? ? ? 139 ? ? ? ? ? ? ? ? ? ? ? ? ? ? ? 1.265 ? ? 1  1 0.767 ? ? ? ? 1.159 ? ? ? ? ? ? ? ? ? 
1.56 1.62  ? ? ? ? ? ? 146 ? ? ? ? ? ? ? ? ? ? ? ? ? ? ? 1.067 ? ? 2  1 0.841 ? ? ? ? 0.979 ? ? ? ? ? ? ? ? ? 
1.62 1.69  ? ? ? ? ? ? 149 ? ? ? ? ? ? ? ? ? ? ? ? ? ? ? 0.83  ? ? 3  1 0.907 ? ? ? ? 0.761 ? ? ? ? ? ? ? ? ? 
1.69 1.77  ? ? ? ? ? ? 122 ? ? ? ? ? ? ? ? ? ? ? ? ? ? ? 0.613 ? ? 4  1 0.933 ? ? ? ? 0.561 ? ? ? ? ? ? ? ? ? 
1.77 1.87  ? ? ? ? ? ? 128 ? ? ? ? ? ? ? ? ? ? ? ? ? ? ? 0.403 ? ? 5  1 0.981 ? ? ? ? 0.369 ? ? ? ? ? ? ? ? ? 
1.87 1.98  ? ? ? ? ? ? 120 ? ? ? ? ? ? ? ? ? ? ? ? ? ? ? 0.356 ? ? 6  1 0.976 ? ? ? ? 0.323 ? ? ? ? ? ? ? ? ? 
1.98 2.12  ? ? ? ? ? ? 103 ? ? ? ? ? ? ? ? ? ? ? ? ? ? ? 0.246 ? ? 7  1 0.983 ? ? ? ? 0.224 ? ? ? ? ? ? ? ? ? 
2.12 2.29  ? ? ? ? ? ? 115 ? ? ? ? ? ? ? ? ? ? ? ? ? ? ? 0.233 ? ? 8  1 0.994 ? ? ? ? 0.214 ? ? ? ? ? ? ? ? ? 
2.29 2.51  ? ? ? ? ? ? 92  ? ? ? ? ? ? ? ? ? ? ? ? ? ? ? 0.231 ? ? 9  1 0.973 ? ? ? ? 0.209 ? ? ? ? ? ? ? ? ? 
2.51 2.81  ? ? ? ? ? ? 91  ? ? ? ? ? ? ? ? ? ? ? ? ? ? ? 0.178 ? ? 10 1 0.993 ? ? ? ? 0.161 ? ? ? ? ? ? ? ? ? 
2.81 3.24  ? ? ? ? ? ? 79  ? ? ? ? ? ? ? ? ? ? ? ? ? ? ? 0.149 ? ? 11 1 0.995 ? ? ? ? 0.136 ? ? ? ? ? ? ? ? ? 
3.24 3.97  ? ? ? ? ? ? 63  ? ? ? ? ? ? ? ? ? ? ? ? ? ? ? 0.132 ? ? 12 1 0.991 ? ? ? ? 0.119 ? ? ? ? ? ? ? ? ? 
3.97 5.61  ? ? ? ? ? ? 54  ? ? ? ? ? ? ? ? ? ? ? ? ? ? ? 0.094 ? ? 13 1 0.998 ? ? ? ? 0.086 ? ? ? ? ? ? ? ? ? 
5.61 18.50 ? ? ? ? ? ? 23  ? ? ? ? ? ? ? ? ? ? ? ? ? ? ? 0.154 ? ? 14 1 0.997 ? ? ? ? 0.141 ? ? ? ? ? ? ? ? ? 
# 
_refine.aniso_B[1][1]                            -0.834 
_refine.aniso_B[1][2]                            1.272 
_refine.aniso_B[1][3]                            0.288 
_refine.aniso_B[2][2]                            1.116 
_refine.aniso_B[2][3]                            -0.319 
_refine.aniso_B[3][3]                            -1.546 
_refine.B_iso_max                                ? 
_refine.B_iso_mean                               24.810 
_refine.B_iso_min                                ? 
_refine.correlation_coeff_Fo_to_Fc               0.976 
_refine.correlation_coeff_Fo_to_Fc_free          0.970 
_refine.details                                  'Hydrogens have been used if present in the input file' 
_refine.diff_density_max                         ? 
_refine.diff_density_max_esd                     ? 
_refine.diff_density_min                         ? 
_refine.diff_density_min_esd                     ? 
_refine.diff_density_rms                         ? 
_refine.diff_density_rms_esd                     ? 
_refine.entry_id                                 8T89 
_refine.pdbx_refine_id                           'X-RAY DIFFRACTION' 
_refine.ls_abs_structure_details                 ? 
_refine.ls_abs_structure_Flack                   ? 
_refine.ls_abs_structure_Flack_esd               ? 
_refine.ls_abs_structure_Rogers                  ? 
_refine.ls_abs_structure_Rogers_esd              ? 
_refine.ls_d_res_high                            1.500 
_refine.ls_d_res_low                             18.500 
_refine.ls_extinction_coef                       ? 
_refine.ls_extinction_coef_esd                   ? 
_refine.ls_extinction_expression                 ? 
_refine.ls_extinction_method                     ? 
_refine.ls_goodness_of_fit_all                   ? 
_refine.ls_goodness_of_fit_all_esd               ? 
_refine.ls_goodness_of_fit_obs                   ? 
_refine.ls_goodness_of_fit_obs_esd               ? 
_refine.ls_hydrogen_treatment                    ? 
_refine.ls_matrix_type                           ? 
_refine.ls_number_constraints                    ? 
_refine.ls_number_parameters                     ? 
_refine.ls_number_reflns_all                     ? 
_refine.ls_number_reflns_obs                     1426 
_refine.ls_number_reflns_R_free                  143 
_refine.ls_number_reflns_R_work                  1283 
_refine.ls_number_restraints                     ? 
_refine.ls_percent_reflns_obs                    97.007 
_refine.ls_percent_reflns_R_free                 10.028 
_refine.ls_R_factor_all                          0.225 
_refine.ls_R_factor_obs                          ? 
_refine.ls_R_factor_R_free                       0.2270 
_refine.ls_R_factor_R_free_error                 ? 
_refine.ls_R_factor_R_free_error_details         ? 
_refine.ls_R_factor_R_work                       0.2252 
_refine.ls_R_Fsqd_factor_obs                     ? 
_refine.ls_R_I_factor_obs                        ? 
_refine.ls_redundancy_reflns_all                 ? 
_refine.ls_redundancy_reflns_obs                 ? 
_refine.ls_restrained_S_all                      ? 
_refine.ls_restrained_S_obs                      ? 
_refine.ls_shift_over_esd_max                    ? 
_refine.ls_shift_over_esd_mean                   ? 
_refine.ls_structure_factor_coef                 ? 
_refine.ls_weighting_details                     ? 
_refine.ls_weighting_scheme                      ? 
_refine.ls_wR_factor_all                         ? 
_refine.ls_wR_factor_obs                         ? 
_refine.ls_wR_factor_R_free                      ? 
_refine.ls_wR_factor_R_work                      ? 
_refine.occupancy_max                            ? 
_refine.occupancy_min                            ? 
_refine.solvent_model_details                    'MASK BULK SOLVENT' 
_refine.solvent_model_param_bsol                 ? 
_refine.solvent_model_param_ksol                 ? 
_refine.pdbx_R_complete                          ? 
_refine.ls_R_factor_gt                           ? 
_refine.ls_goodness_of_fit_gt                    ? 
_refine.ls_goodness_of_fit_ref                   ? 
_refine.ls_shift_over_su_max                     ? 
_refine.ls_shift_over_su_max_lt                  ? 
_refine.ls_shift_over_su_mean                    ? 
_refine.ls_shift_over_su_mean_lt                 ? 
_refine.pdbx_ls_sigma_I                          ? 
_refine.pdbx_ls_sigma_F                          ? 
_refine.pdbx_ls_sigma_Fsqd                       ? 
_refine.pdbx_data_cutoff_high_absF               ? 
_refine.pdbx_data_cutoff_high_rms_absF           ? 
_refine.pdbx_data_cutoff_low_absF                ? 
_refine.pdbx_isotropic_thermal_model             ? 
_refine.pdbx_ls_cross_valid_method               'FREE R-VALUE' 
_refine.pdbx_method_to_determine_struct          'AB INITIO PHASING' 
_refine.pdbx_starting_model                      ? 
_refine.pdbx_stereochemistry_target_values       ? 
_refine.pdbx_R_Free_selection_details            ? 
_refine.pdbx_stereochem_target_val_spec_case     ? 
_refine.pdbx_overall_ESU_R                       0.086 
_refine.pdbx_overall_ESU_R_Free                  0.078 
_refine.pdbx_solvent_vdw_probe_radii             1.200 
_refine.pdbx_solvent_ion_probe_radii             0.800 
_refine.pdbx_solvent_shrinkage_radii             0.800 
_refine.pdbx_real_space_R                        ? 
_refine.pdbx_density_correlation                 ? 
_refine.pdbx_pd_number_of_powder_patterns        ? 
_refine.pdbx_pd_number_of_points                 ? 
_refine.pdbx_pd_meas_number_of_points            ? 
_refine.pdbx_pd_proc_ls_prof_R_factor            ? 
_refine.pdbx_pd_proc_ls_prof_wR_factor           ? 
_refine.pdbx_pd_Marquardt_correlation_coeff      ? 
_refine.pdbx_pd_Fsqrd_R_factor                   ? 
_refine.pdbx_pd_ls_matrix_band_width             ? 
_refine.pdbx_overall_phase_error                 ? 
_refine.pdbx_overall_SU_R_free_Cruickshank_DPI   ? 
_refine.pdbx_overall_SU_R_free_Blow_DPI          ? 
_refine.pdbx_overall_SU_R_Blow_DPI               ? 
_refine.pdbx_TLS_residual_ADP_flag               ? 
_refine.pdbx_diffrn_id                           1 
_refine.overall_SU_B                             ? 
_refine.overall_SU_ML                            ? 
_refine.overall_SU_R_Cruickshank_DPI             ? 
_refine.overall_SU_R_free                        ? 
_refine.overall_FOM_free_R_set                   ? 
_refine.overall_FOM_work_R_set                   ? 
_refine.pdbx_average_fsc_overall                 ? 
_refine.pdbx_average_fsc_work                    ? 
_refine.pdbx_average_fsc_free                    ? 
# 
_refine_hist.pdbx_refine_id                   'X-RAY DIFFRACTION' 
_refine_hist.cycle_id                         LAST 
_refine_hist.pdbx_number_atoms_protein        52 
_refine_hist.pdbx_number_atoms_nucleic_acid   0 
_refine_hist.pdbx_number_atoms_ligand         7 
_refine_hist.number_atoms_solvent             2 
_refine_hist.number_atoms_total               61 
_refine_hist.d_res_high                       1.500 
_refine_hist.d_res_low                        18.500 
# 
loop_
_refine_ls_restr.pdbx_refine_id 
_refine_ls_restr.criterion 
_refine_ls_restr.dev_ideal 
_refine_ls_restr.dev_ideal_target 
_refine_ls_restr.number 
_refine_ls_restr.rejects 
_refine_ls_restr.type 
_refine_ls_restr.weight 
_refine_ls_restr.pdbx_restraint_function 
'X-RAY DIFFRACTION' ? 0.012  0.012  59  ? r_bond_refined_d               ? ? 
'X-RAY DIFFRACTION' ? 0.030  0.016  57  ? r_bond_other_d                 ? ? 
'X-RAY DIFFRACTION' ? 1.577  1.589  79  ? r_angle_refined_deg            ? ? 
'X-RAY DIFFRACTION' ? 0.511  1.566  128 ? r_angle_other_deg              ? ? 
'X-RAY DIFFRACTION' ? 5.502  5.000  5   ? r_dihedral_angle_1_deg         ? ? 
'X-RAY DIFFRACTION' ? 16.043 10.000 9   ? r_dihedral_angle_3_deg         ? ? 
'X-RAY DIFFRACTION' ? 14.756 10.000 2   ? r_dihedral_angle_6_deg         ? ? 
'X-RAY DIFFRACTION' ? 0.058  0.200  9   ? r_chiral_restr                 ? ? 
'X-RAY DIFFRACTION' ? 0.010  0.020  57  ? r_gen_planes_refined           ? ? 
'X-RAY DIFFRACTION' ? 0.000  0.020  15  ? r_gen_planes_other             ? ? 
'X-RAY DIFFRACTION' ? 0.134  0.200  2   ? r_nbd_refined                  ? ? 
'X-RAY DIFFRACTION' ? 0.163  0.200  34  ? r_symmetry_nbd_other           ? ? 
'X-RAY DIFFRACTION' ? 0.212  0.200  24  ? r_nbtor_refined                ? ? 
'X-RAY DIFFRACTION' ? 0.094  0.200  34  ? r_symmetry_nbtor_other         ? ? 
'X-RAY DIFFRACTION' ? 0.031  0.200  2   ? r_xyhbond_nbd_refined          ? ? 
'X-RAY DIFFRACTION' ? 0.135  0.200  3   ? r_symmetry_nbd_refined         ? ? 
'X-RAY DIFFRACTION' ? 0.139  0.200  32  ? r_nbd_other                    ? ? 
'X-RAY DIFFRACTION' ? 0.120  0.200  4   ? r_symmetry_xyhbond_nbd_refined ? ? 
'X-RAY DIFFRACTION' ? 2.100  1.890  23  ? r_mcbond_it                    ? ? 
'X-RAY DIFFRACTION' ? 2.106  1.860  23  ? r_mcbond_other                 ? ? 
'X-RAY DIFFRACTION' ? 3.266  2.772  27  ? r_mcangle_it                   ? ? 
'X-RAY DIFFRACTION' ? 3.385  2.819  28  ? r_mcangle_other                ? ? 
'X-RAY DIFFRACTION' ? 4.535  2.740  36  ? r_scbond_it                    ? ? 
'X-RAY DIFFRACTION' ? 3.911  2.449  31  ? r_scbond_other                 ? ? 
'X-RAY DIFFRACTION' ? 6.718  3.928  52  ? r_scangle_it                   ? ? 
'X-RAY DIFFRACTION' ? 5.827  3.459  44  ? r_scangle_other                ? ? 
'X-RAY DIFFRACTION' ? 8.269  42.362 51  ? r_lrange_it                    ? ? 
'X-RAY DIFFRACTION' ? 8.037  35.129 49  ? r_lrange_other                 ? ? 
# 
loop_
_refine_ls_shell.pdbx_refine_id 
_refine_ls_shell.d_res_high 
_refine_ls_shell.d_res_low 
_refine_ls_shell.number_reflns_all 
_refine_ls_shell.number_reflns_obs 
_refine_ls_shell.number_reflns_R_free 
_refine_ls_shell.number_reflns_R_work 
_refine_ls_shell.percent_reflns_obs 
_refine_ls_shell.percent_reflns_R_free 
_refine_ls_shell.R_factor_all 
_refine_ls_shell.R_factor_obs 
_refine_ls_shell.R_factor_R_free_error 
_refine_ls_shell.R_factor_R_work 
_refine_ls_shell.redundancy_reflns_all 
_refine_ls_shell.redundancy_reflns_obs 
_refine_ls_shell.wR_factor_all 
_refine_ls_shell.wR_factor_obs 
_refine_ls_shell.wR_factor_R_free 
_refine_ls_shell.wR_factor_R_work 
_refine_ls_shell.pdbx_R_complete 
_refine_ls_shell.pdbx_total_number_of_bins_used 
_refine_ls_shell.pdbx_phase_error 
_refine_ls_shell.pdbx_fsc_work 
_refine_ls_shell.pdbx_fsc_free 
_refine_ls_shell.R_factor_R_free 
'X-RAY DIFFRACTION' 1.500 1.676  431 . 42 375 96.7517 . 0.361 . . 0.363 . . . . . 0.333 . 5 . 0.879 0.846 0.340 
'X-RAY DIFFRACTION' 1.676 1.932  359 . 35 313 96.9359 . 0.269 . . 0.268 . . . . . 0.234 . 5 . 0.932 0.915 0.281 
'X-RAY DIFFRACTION' 1.932 2.360  305 . 29 264 96.0656 . 0.235 . . 0.239 . . . . . 0.231 . 5 . 0.960 0.971 0.210 
'X-RAY DIFFRACTION' 2.360 3.311  238 . 23 212 98.7395 . 0.209 . . 0.209 . . . . . 0.219 . 5 . 0.978 0.981 0.212 
'X-RAY DIFFRACTION' 3.311 18.500 137 . 14 119 97.0803 . 0.168 . . 0.165 . . . . . 0.248 . 5 . 0.988 0.985 0.199 
# 
_struct.entry_id                     8T89 
_struct.title                        'Racemic mixture of amyloid beta segment 16-KLVFFA-21 forms heterochiral rippled beta-sheet' 
_struct.pdbx_model_details           ? 
_struct.pdbx_formula_weight          ? 
_struct.pdbx_formula_weight_method   ? 
_struct.pdbx_model_type_details      ? 
_struct.pdbx_CASP_flag               N 
# 
_struct_keywords.entry_id        8T89 
_struct_keywords.text            'Rippled beta sheet, amyloid fibril, PROTEIN FIBRIL' 
_struct_keywords.pdbx_keywords   'PROTEIN FIBRIL' 
# 
loop_
_struct_asym.id 
_struct_asym.pdbx_blank_PDB_chainid_flag 
_struct_asym.pdbx_modified 
_struct_asym.entity_id 
_struct_asym.details 
A N N 1 ? 
B N N 2 ? 
C N N 3 ? 
# 
_atom_sites.entry_id                    8T89 
_atom_sites.Cartn_transf_matrix[1][1]   ? 
_atom_sites.Cartn_transf_matrix[1][2]   ? 
_atom_sites.Cartn_transf_matrix[1][3]   ? 
_atom_sites.Cartn_transf_matrix[2][1]   ? 
_atom_sites.Cartn_transf_matrix[2][2]   ? 
_atom_sites.Cartn_transf_matrix[2][3]   ? 
_atom_sites.Cartn_transf_matrix[3][1]   ? 
_atom_sites.Cartn_transf_matrix[3][2]   ? 
_atom_sites.Cartn_transf_matrix[3][3]   ? 
_atom_sites.Cartn_transf_vector[1]      ? 
_atom_sites.Cartn_transf_vector[2]      ? 
_atom_sites.Cartn_transf_vector[3]      ? 
_atom_sites.fract_transf_matrix[1][1]   -0.05930654 
_atom_sites.fract_transf_matrix[1][2]   0.06926351 
_atom_sites.fract_transf_matrix[1][3]   0.00595999 
_atom_sites.fract_transf_matrix[2][1]   -0.01589024 
_atom_sites.fract_transf_matrix[2][2]   0.03568426 
_atom_sites.fract_transf_matrix[2][3]   -0.08247441 
_atom_sites.fract_transf_matrix[3][1]   -0.04213975 
_atom_sites.fract_transf_matrix[3][2]   -0.03314973 
_atom_sites.fract_transf_matrix[3][3]   -0.00686817 
_atom_sites.fract_transf_vector[1]      0.270643 
_atom_sites.fract_transf_vector[2]      0.518241 
_atom_sites.fract_transf_vector[3]      0.484513 
_atom_sites.solution_primary            ? 
_atom_sites.solution_secondary          ? 
_atom_sites.solution_hydrogens          ? 
_atom_sites.special_details             ? 
# 
loop_
_atom_type.symbol 
_atom_type.pdbx_scat_Z 
_atom_type.pdbx_N_electrons 
_atom_type.scat_Cromer_Mann_a1 
_atom_type.scat_Cromer_Mann_b1 
_atom_type.scat_Cromer_Mann_a2 
_atom_type.scat_Cromer_Mann_b2 
_atom_type.scat_Cromer_Mann_a3 
_atom_type.scat_Cromer_Mann_b3 
_atom_type.scat_Cromer_Mann_a4 
_atom_type.scat_Cromer_Mann_b4 
_atom_type.scat_Cromer_Mann_c 
C 6 6 2.310  20.844 1.020 10.208 1.589 0.569  0.865 51.651 0.216   
F 9 9 3.539  10.282 2.641 4.294  1.517 0.262  1.024 26.148 0.304   
H 1 1 0.493  10.511 0.323 26.126 0.140 3.142  0.041 57.800 0.003   
N 7 7 12.222 0.006  3.135 9.893  2.014 28.997 1.167 0.583  -11.538 
O 8 8 3.049  13.277 2.287 5.701  1.546 0.324  0.867 32.909 0.251   
# 
loop_
_atom_site.group_PDB 
_atom_site.id 
_atom_site.type_symbol 
_atom_site.label_atom_id 
_atom_site.label_alt_id 
_atom_site.label_comp_id 
_atom_site.label_asym_id 
_atom_site.label_entity_id 
_atom_site.label_seq_id 
_atom_site.pdbx_PDB_ins_code 
_atom_site.Cartn_x 
_atom_site.Cartn_y 
_atom_site.Cartn_z 
_atom_site.occupancy 
_atom_site.B_iso_or_equiv 
_atom_site.pdbx_formal_charge 
_atom_site.auth_seq_id 
_atom_site.auth_comp_id 
_atom_site.auth_asym_id 
_atom_site.auth_atom_id 
_atom_site.pdbx_PDB_model_num 
_atom_site.calc_flag 
ATOM   1   N N    . LYS A 1 1 ? -2.233 -8.580  -3.894 1.000 19.660 0 16  LYS A N    1 ? 
ATOM   2   C CA   . LYS A 1 1 ? -2.412 -7.569  -2.856 1.000 17.920 0 16  LYS A CA   1 ? 
ATOM   3   C C    . LYS A 1 1 ? -1.604 -6.323  -3.180 1.000 17.290 0 16  LYS A C    1 ? 
ATOM   4   O O    . LYS A 1 1 ? -0.529 -6.429  -3.758 1.000 19.840 0 16  LYS A O    1 ? 
ATOM   5   C CB   . LYS A 1 1 ? -1.894 -8.163  -1.542 1.000 21.380 0 16  LYS A CB   1 ? 
ATOM   6   C CG   . LYS A 1 1 ? -2.731 -7.766  -0.343 1.000 29.530 0 16  LYS A CG   1 ? 
ATOM   7   C CD   . LYS A 1 1 ? -4.030 -8.583  -0.300 1.000 32.110 0 16  LYS A CD   1 ? 
ATOM   8   C CE   . LYS A 1 1 ? -3.787 -9.980  0.227  1.000 40.740 0 16  LYS A CE   1 ? 
ATOM   9   N NZ   . LYS A 1 1 ? -5.024 -10.801 0.134  1.000 41.570 0 16  LYS A NZ   1 ? 
ATOM   10  H H2   . LYS A 1 1 ? -3.026 -8.629  -4.434 1.000 19.130 0 16  LYS A H2   1 c 
ATOM   11  H H3   . LYS A 1 1 ? -1.480 -8.363  -4.448 1.000 19.110 0 16  LYS A H3   1 c 
ATOM   12  H HA   . LYS A 1 1 ? -3.366 -7.342  -2.776 1.000 18.790 0 16  LYS A HA   1 c 
ATOM   13  H HB2  . LYS A 1 1 ? -1.886 -9.139  -1.618 1.000 22.210 0 16  LYS A HB2  1 c 
ATOM   14  H HB3  . LYS A 1 1 ? -0.973 -7.862  -1.398 1.000 22.140 0 16  LYS A HB3  1 c 
ATOM   15  H HG2  . LYS A 1 1 ? -2.220 -7.920  0.478  1.000 27.900 0 16  LYS A HG2  1 c 
ATOM   16  H HG3  . LYS A 1 1 ? -2.947 -6.810  -0.400 1.000 27.900 0 16  LYS A HG3  1 c 
ATOM   17  H HD2  . LYS A 1 1 ? -4.680 -8.129  0.279  1.000 33.290 0 16  LYS A HD2  1 c 
ATOM   18  H HD3  . LYS A 1 1 ? -4.411 -8.639  -1.201 1.000 33.210 0 16  LYS A HD3  1 c 
ATOM   19  H HE2  . LYS A 1 1 ? -3.080 -10.411 -0.289 1.000 38.590 0 16  LYS A HE2  1 c 
ATOM   20  H HE3  . LYS A 1 1 ? -3.500 -9.937  1.158  1.000 38.670 0 16  LYS A HE3  1 c 
ATOM   21  H HZ1  . LYS A 1 1 ? -4.805 -11.674 0.020  1.000 41.300 0 16  LYS A HZ1  1 c 
ATOM   22  H HZ2  . LYS A 1 1 ? -5.506 -10.715 0.897  1.000 41.300 0 16  LYS A HZ2  1 c 
ATOM   23  H HZ3  . LYS A 1 1 ? -5.528 -10.527 -0.568 1.000 41.260 0 16  LYS A HZ3  1 c 
ATOM   24  N N    . LEU A 1 2 ? -2.074 -5.174  -2.721 1.000 16.950 0 17  LEU A N    1 ? 
ATOM   25  C CA   . LEU A 1 2 ? -1.356 -3.927  -2.931 1.000 16.380 0 17  LEU A CA   1 ? 
ATOM   26  C C    . LEU A 1 2 ? -1.616 -3.067  -1.711 1.000 17.650 0 17  LEU A C    1 ? 
ATOM   27  O O    . LEU A 1 2 ? -2.771 -2.775  -1.402 1.000 18.790 0 17  LEU A O    1 ? 
ATOM   28  C CB   . LEU A 1 2 ? -1.905 -3.280  -4.204 1.000 21.190 0 17  LEU A CB   1 ? 
ATOM   29  C CG   . LEU A 1 2 ? -1.221 -2.017  -4.677 1.000 24.700 0 17  LEU A CG   1 ? 
ATOM   30  C CD1  . LEU A 1 2 ? 0.127  -2.318  -5.233 1.000 26.730 0 17  LEU A CD1  1 ? 
ATOM   31  C CD2  . LEU A 1 2 ? -2.056 -1.372  -5.791 1.000 31.320 0 17  LEU A CD2  1 ? 
ATOM   32  H H    . LEU A 1 2 ? -2.948 -5.157  -2.214 1.000 16.900 0 17  LEU A H    1 c 
ATOM   33  H HA   . LEU A 1 2 ? -0.394 -4.107  -3.021 1.000 17.590 0 17  LEU A HA   1 c 
ATOM   34  H HB2  . LEU A 1 2 ? -1.858 -3.940  -4.924 1.000 20.700 0 17  LEU A HB2  1 c 
ATOM   35  H HB3  . LEU A 1 2 ? -2.850 -3.077  -4.056 1.000 20.690 0 17  LEU A HB3  1 c 
ATOM   36  H HG   . LEU A 1 2 ? -1.132 -1.384  -3.923 1.000 25.470 0 17  LEU A HG   1 c 
ATOM   37  H HD11 . LEU A 1 2 ? 0.525  -1.501  -5.581 1.000 26.090 0 17  LEU A HD11 1 c 
ATOM   38  H HD12 . LEU A 1 2 ? 0.693  -2.680  -4.531 1.000 26.040 0 17  LEU A HD12 1 c 
ATOM   39  H HD13 . LEU A 1 2 ? 0.044  -2.969  -5.952 1.000 26.070 0 17  LEU A HD13 1 c 
ATOM   40  H HD21 . LEU A 1 2 ? -1.571 -0.618  -6.169 1.000 29.100 0 17  LEU A HD21 1 c 
ATOM   41  H HD22 . LEU A 1 2 ? -2.230 -2.028  -6.488 1.000 29.110 0 17  LEU A HD22 1 c 
ATOM   42  H HD23 . LEU A 1 2 ? -2.901 -1.060  -5.421 1.000 29.110 0 17  LEU A HD23 1 c 
ATOM   43  N N    . VAL A 1 3 ? -0.545 -2.729  -1.005 1.000 16.670 0 18  VAL A N    1 ? 
ATOM   44  C CA   . VAL A 1 3 ? -0.622 -1.922  0.189  1.000 16.980 0 18  VAL A CA   1 ? 
ATOM   45  C C    . VAL A 1 3 ? 0.310  -0.736  0.019  1.000 17.990 0 18  VAL A C    1 ? 
ATOM   46  O O    . VAL A 1 3 ? 1.466  -0.925  -0.352 1.000 18.830 0 18  VAL A O    1 ? 
ATOM   47  C CB   . VAL A 1 3 ? -0.231 -2.769  1.413  1.000 19.120 0 18  VAL A CB   1 ? 
ATOM   48  C CG1  . VAL A 1 3 ? -0.213 -1.919  2.665  1.000 22.640 0 18  VAL A CG1  1 ? 
ATOM   49  C CG2  . VAL A 1 3 ? -1.173 -3.943  1.594  1.000 20.810 0 18  VAL A CG2  1 ? 
ATOM   50  H H    . VAL A 1 3 ? 0.364  -3.047  -1.311 1.000 16.970 0 18  VAL A H    1 c 
ATOM   51  H HA   . VAL A 1 3 ? -1.532 -1.602  0.300  1.000 17.500 0 18  VAL A HA   1 c 
ATOM   52  H HB   . VAL A 1 3 ? 0.681  -3.121  1.263  1.000 19.610 0 18  VAL A HB   1 c 
ATOM   53  H HG11 . VAL A 1 3 ? -0.184 -2.494  3.449  1.000 21.480 0 18  VAL A HG11 1 c 
ATOM   54  H HG12 . VAL A 1 3 ? 0.570  -1.342  2.660  1.000 21.480 0 18  VAL A HG12 1 c 
ATOM   55  H HG13 . VAL A 1 3 ? -1.017 -1.371  2.696  1.000 21.480 0 18  VAL A HG13 1 c 
ATOM   56  H HG21 . VAL A 1 3 ? -0.969 -4.400  2.429  1.000 20.270 0 18  VAL A HG21 1 c 
ATOM   57  H HG22 . VAL A 1 3 ? -2.091 -3.623  1.616  1.000 20.270 0 18  VAL A HG22 1 c 
ATOM   58  H HG23 . VAL A 1 3 ? -1.066 -4.564  0.852  1.000 20.260 0 18  VAL A HG23 1 c 
ATOM   59  N N    . PHE A 1 4 ? -0.148 0.460   0.330  1.000 16.490 0 19  PHE A N    1 ? 
ATOM   60  C CA   . PHE A 1 4 ? 0.623  1.659   0.050  1.000 16.950 0 19  PHE A CA   1 ? 
ATOM   61  C C    . PHE A 1 4 ? 0.391  2.655   1.172  1.000 17.350 0 19  PHE A C    1 ? 
ATOM   62  O O    . PHE A 1 4 ? -0.762 2.986   1.457  1.000 18.300 0 19  PHE A O    1 ? 
ATOM   63  C CB   . PHE A 1 4 ? 0.195  2.267   -1.298 1.000 19.180 0 19  PHE A CB   1 ? 
ATOM   64  C CG   . PHE A 1 4 ? 1.139  3.310   -1.837 1.000 22.130 0 19  PHE A CG   1 ? 
ATOM   65  C CD1  . PHE A 1 4 ? 1.128  4.599   -1.347 1.000 29.760 0 19  PHE A CD1  1 ? 
ATOM   66  C CD2  . PHE A 1 4 ? 2.093  2.950   -2.784 1.000 26.630 0 19  PHE A CD2  1 ? 
ATOM   67  C CE1  . PHE A 1 4 ? 2.023  5.535   -1.849 1.000 33.890 0 19  PHE A CE1  1 ? 
ATOM   68  C CE2  . PHE A 1 4 ? 3.002  3.879   -3.276 1.000 30.720 0 19  PHE A CE2  1 ? 
ATOM   69  C CZ   . PHE A 1 4 ? 2.950  5.169   -2.803 1.000 32.280 0 19  PHE A CZ   1 ? 
ATOM   70  H H    . PHE A 1 4 ? -1.051 0.551   0.774  1.000 16.940 0 19  PHE A H    1 c 
ATOM   71  H HA   . PHE A 1 4 ? 1.586  1.431   0.014  1.000 17.340 0 19  PHE A HA   1 c 
ATOM   72  H HB2  . PHE A 1 4 ? 0.118  1.542   -1.953 1.000 19.290 0 19  PHE A HB2  1 c 
ATOM   73  H HB3  . PHE A 1 4 ? -0.692 2.669   -1.190 1.000 19.270 0 19  PHE A HB3  1 c 
ATOM   74  H HD1  . PHE A 1 4 ? 0.489  4.852   -0.700 1.000 28.550 0 19  PHE A HD1  1 c 
ATOM   75  H HD2  . PHE A 1 4 ? 2.115  2.062   -3.104 1.000 26.560 0 19  PHE A HD2  1 c 
ATOM   76  H HE1  . PHE A 1 4 ? 2.002  6.423   -1.527 1.000 31.970 0 19  PHE A HE1  1 c 
ATOM   77  H HE2  . PHE A 1 4 ? 3.631  3.631   -3.935 1.000 29.840 0 19  PHE A HE2  1 c 
ATOM   78  H HZ   . PHE A 1 4 ? 3.558  5.811   -3.132 1.000 31.770 0 19  PHE A HZ   1 c 
ATOM   79  N N    . PHE A 1 5 ? 1.471  3.063   1.840  1.000 16.860 0 20  PHE A N    1 ? 
ATOM   80  C CA   . PHE A 1 5 ? 1.423  4.052   2.890  1.000 15.450 0 20  PHE A CA   1 ? 
ATOM   81  C C    . PHE A 1 5 ? 2.157  5.299   2.422  1.000 20.250 0 20  PHE A C    1 ? 
ATOM   82  O O    . PHE A 1 5 ? 3.200  5.246   1.774  1.000 21.640 0 20  PHE A O    1 ? 
ATOM   83  C CB   . PHE A 1 5 ? 2.041  3.514   4.190  1.000 16.560 0 20  PHE A CB   1 ? 
ATOM   84  C CG   . PHE A 1 5 ? 1.259  2.375   4.752  1.000 18.730 0 20  PHE A CG   1 ? 
ATOM   85  C CD1  . PHE A 1 5 ? 0.011  2.605   5.275  1.000 20.180 0 20  PHE A CD1  1 ? 
ATOM   86  C CD2  . PHE A 1 5 ? 1.734  1.093   4.732  1.000 21.820 0 20  PHE A CD2  1 ? 
ATOM   87  C CE1  . PHE A 1 5 ? -0.739 1.575   5.804  1.000 20.360 0 20  PHE A CE1  1 ? 
ATOM   88  C CE2  . PHE A 1 5 ? 0.978  0.063   5.279  1.000 24.230 0 20  PHE A CE2  1 ? 
ATOM   89  C CZ   . PHE A 1 5 ? -0.272 0.305   5.777  1.000 23.420 0 20  PHE A CZ   1 ? 
ATOM   90  H H    . PHE A 1 5 ? 2.367  2.661   1.606  1.000 16.630 0 20  PHE A H    1 c 
ATOM   91  H HA   . PHE A 1 5 ? 0.479  4.287   3.062  1.000 16.790 0 20  PHE A HA   1 c 
ATOM   92  H HB2  . PHE A 1 5 ? 2.958  3.221   4.008  1.000 16.790 0 20  PHE A HB2  1 c 
ATOM   93  H HB3  . PHE A 1 5 ? 2.075  4.239   4.848  1.000 16.780 0 20  PHE A HB3  1 c 
ATOM   94  H HD1  . PHE A 1 5 ? -0.331 3.484   5.286  1.000 20.010 0 20  PHE A HD1  1 c 
ATOM   95  H HD2  . PHE A 1 5 ? 2.592  0.914   4.380  1.000 21.500 0 20  PHE A HD2  1 c 
ATOM   96  H HE1  . PHE A 1 5 ? -1.596 1.753   6.157  1.000 21.000 0 20  PHE A HE1  1 c 
ATOM   97  H HE2  . PHE A 1 5 ? 1.309  -0.821  5.260  1.000 23.160 0 20  PHE A HE2  1 c 
ATOM   98  H HZ   . PHE A 1 5 ? -0.782 -0.398  6.147  1.000 22.620 0 20  PHE A HZ   1 c 
ATOM   99  N N    . ALA A 1 6 ? 1.646  6.440   2.853  1.000 21.190 0 21  ALA A N    1 ? 
ATOM   100 C CA   . ALA A 1 6 ? 2.343  7.706   2.658  1.000 23.280 0 21  ALA A CA   1 ? 
ATOM   101 C C    . ALA A 1 6 ? 2.203  8.583   3.910  1.000 30.240 0 21  ALA A C    1 ? 
ATOM   102 O O    . ALA A 1 6 ? 3.096  9.397   4.193  1.000 31.220 0 21  ALA A O    1 ? 
ATOM   103 C CB   . ALA A 1 6 ? 1.760  8.386   1.468  1.000 25.850 0 21  ALA A CB   1 ? 
ATOM   104 O OXT  . ALA A 1 6 ? 1.209  8.478   4.661  1.000 23.990 0 21  ALA A OXT  1 ? 
ATOM   105 H H    . ALA A 1 6 ? 0.755  6.444   3.329  1.000 21.420 0 21  ALA A H    1 c 
ATOM   106 H HA   . ALA A 1 6 ? 3.300  7.531   2.498  1.000 24.510 0 21  ALA A HA   1 c 
ATOM   107 H HB1  . ALA A 1 6 ? 2.238  9.217   1.301  1.000 25.030 0 21  ALA A HB1  1 c 
ATOM   108 H HB2  . ALA A 1 6 ? 1.839  7.806   0.692  1.000 25.030 0 21  ALA A HB2  1 c 
ATOM   109 H HB3  . ALA A 1 6 ? 0.822  8.582   1.630  1.000 25.030 0 21  ALA A HB3  1 c 
HETATM 110 C C1   . TFA B 2 . ? -2.919 -7.076  -6.891 1.000 35.750 0 101 TFA A C1   1 ? 
HETATM 111 C C2   . TFA B 2 . ? -3.290 -5.932  -7.834 1.000 48.930 0 101 TFA A C2   1 ? 
HETATM 112 O O    . TFA B 2 . ? -2.198 -7.986  -7.394 1.000 38.980 0 101 TFA A O    1 ? 
HETATM 113 F F1   . TFA B 2 . ? -3.992 -6.411  -8.824 1.000 45.990 0 101 TFA A F1   1 ? 
HETATM 114 F F2   . TFA B 2 . ? -4.050 -4.958  -7.300 1.000 45.760 0 101 TFA A F2   1 ? 
HETATM 115 F F3   . TFA B 2 . ? -2.223 -5.344  -8.323 1.000 44.060 0 101 TFA A F3   1 ? 
HETATM 116 O OXT  . TFA B 2 . ? -3.457 -7.022  -5.802 1.000 29.400 0 101 TFA A OXT  1 ? 
HETATM 117 O O    . HOH C 3 . ? 4.759  7.091   0.190  1.000 33.160 0 201 HOH A O    1 ? 
HETATM 118 O O    A HOH C 3 . ? -3.355 -12.990 1.503  0.500 27.360 0 202 HOH A O    1 ? 
HETATM 119 O O    B HOH C 3 . ? -1.863 -10.502 -8.316 0.500 28.490 0 202 HOH A O    1 ? 
# 
loop_
_pdbx_poly_seq_scheme.asym_id 
_pdbx_poly_seq_scheme.entity_id 
_pdbx_poly_seq_scheme.seq_id 
_pdbx_poly_seq_scheme.mon_id 
_pdbx_poly_seq_scheme.ndb_seq_num 
_pdbx_poly_seq_scheme.pdb_seq_num 
_pdbx_poly_seq_scheme.auth_seq_num 
_pdbx_poly_seq_scheme.pdb_mon_id 
_pdbx_poly_seq_scheme.auth_mon_id 
_pdbx_poly_seq_scheme.pdb_strand_id 
_pdbx_poly_seq_scheme.pdb_ins_code 
_pdbx_poly_seq_scheme.hetero 
A 1 1 LYS 1 16 16 LYS LYS A . n 
A 1 2 LEU 2 17 17 LEU LEU A . n 
A 1 3 VAL 3 18 18 VAL VAL A . n 
A 1 4 PHE 4 19 19 PHE PHE A . n 
A 1 5 PHE 5 20 20 PHE PHE A . n 
A 1 6 ALA 6 21 21 ALA ALA A . n 
# 
_pdbx_contact_author.id                 2 
_pdbx_contact_author.email              jraskato@ucsc.edu 
_pdbx_contact_author.name_first         Jevgenij 
_pdbx_contact_author.name_last          Raskatov 
_pdbx_contact_author.name_mi            A 
_pdbx_contact_author.role               'principal investigator/group leader' 
_pdbx_contact_author.identifier_ORCID   0000-0002-0082-9113 
# 
loop_
_pdbx_nonpoly_scheme.asym_id 
_pdbx_nonpoly_scheme.entity_id 
_pdbx_nonpoly_scheme.mon_id 
_pdbx_nonpoly_scheme.ndb_seq_num 
_pdbx_nonpoly_scheme.pdb_seq_num 
_pdbx_nonpoly_scheme.auth_seq_num 
_pdbx_nonpoly_scheme.pdb_mon_id 
_pdbx_nonpoly_scheme.auth_mon_id 
_pdbx_nonpoly_scheme.pdb_strand_id 
_pdbx_nonpoly_scheme.pdb_ins_code 
B 2 TFA 1 101 101 TFA TFA A . 
C 3 HOH 1 201 102 HOH HOH A . 
C 3 HOH 2 202 103 HOH HOH A . 
# 
_pdbx_struct_assembly.id                   1 
_pdbx_struct_assembly.details              author_defined_assembly 
_pdbx_struct_assembly.method_details       ? 
_pdbx_struct_assembly.oligomeric_details   hexameric 
_pdbx_struct_assembly.oligomeric_count     6 
# 
loop_
_pdbx_struct_assembly_gen.assembly_id 
_pdbx_struct_assembly_gen.oper_expression 
_pdbx_struct_assembly_gen.asym_id_list 
1 1 A,B,C 
1 2 A,B,C 
1 3 A,B,C 
1 4 A,B,C 
1 5 A,B,C 
1 6 A,B,C 
# 
loop_
_pdbx_struct_oper_list.id 
_pdbx_struct_oper_list.type 
_pdbx_struct_oper_list.name 
_pdbx_struct_oper_list.symmetry_operation 
_pdbx_struct_oper_list.matrix[1][1] 
_pdbx_struct_oper_list.matrix[1][2] 
_pdbx_struct_oper_list.matrix[1][3] 
_pdbx_struct_oper_list.vector[1] 
_pdbx_struct_oper_list.matrix[2][1] 
_pdbx_struct_oper_list.matrix[2][2] 
_pdbx_struct_oper_list.matrix[2][3] 
_pdbx_struct_oper_list.vector[2] 
_pdbx_struct_oper_list.matrix[3][1] 
_pdbx_struct_oper_list.matrix[3][2] 
_pdbx_struct_oper_list.matrix[3][3] 
_pdbx_struct_oper_list.vector[3] 
1 'identity operation'         1_555 x,y,z          1.0000000000  0.0000000000 0.0000000000 0.0000000000  0.0000000000 1.0000000000  0.0000000000 0.0000000000   0.0000000000 0.0000000000 1.0000000000  0.0000000000  
2 'crystal symmetry operation' 1_655 x+1,y,z        1.0000000000  0.0000000000 0.0000000000 -7.0603770483 0.0000000000 1.0000000000  0.0000000000 7.9780895370   0.0000000000 0.0000000000 1.0000000000  4.8121994217  
3 'crystal symmetry operation' 1_455 x-1,y,z        1.0000000000  0.0000000000 0.0000000000 7.0603770483  0.0000000000 1.0000000000  0.0000000000 -7.9780895370  0.0000000000 0.0000000000 1.0000000000  -4.8121994217 
4 'crystal symmetry operation' 2_566 -x,-y+1,-z+1   -1.0000000000 0.0000000000 0.0000000000 3.3626805730  0.0000000000 -1.0000000000 0.0000000000 -4.7413634181  0.0000000000 0.0000000000 -1.0000000000 -2.2569847321 
5 'crystal symmetry operation' 2_466 -x-1,-y+1,-z+1 -1.0000000000 0.0000000000 0.0000000000 10.4230576213 0.0000000000 -1.0000000000 0.0000000000 -12.7194529551 0.0000000000 0.0000000000 -1.0000000000 -7.0691841538 
6 'crystal symmetry operation' 2_666 -x+1,-y+1,-z+1 -1.0000000000 0.0000000000 0.0000000000 -3.6976964754 0.0000000000 -1.0000000000 0.0000000000 3.2367261189   0.0000000000 0.0000000000 -1.0000000000 2.5552146896 
# 
loop_
_pdbx_audit_revision_history.ordinal 
_pdbx_audit_revision_history.data_content_type 
_pdbx_audit_revision_history.major_revision 
_pdbx_audit_revision_history.minor_revision 
_pdbx_audit_revision_history.revision_date 
1 'Structure model' 1 0 2023-11-29 
2 'Structure model' 1 1 2023-12-13 
# 
_pdbx_audit_revision_details.ordinal             1 
_pdbx_audit_revision_details.revision_ordinal    1 
_pdbx_audit_revision_details.data_content_type   'Structure model' 
_pdbx_audit_revision_details.provider            repository 
_pdbx_audit_revision_details.type                'Initial release' 
_pdbx_audit_revision_details.description         ? 
_pdbx_audit_revision_details.details             ? 
# 
_pdbx_audit_revision_group.ordinal             1 
_pdbx_audit_revision_group.revision_ordinal    2 
_pdbx_audit_revision_group.data_content_type   'Structure model' 
_pdbx_audit_revision_group.group               'Database references' 
# 
loop_
_pdbx_audit_revision_category.ordinal 
_pdbx_audit_revision_category.revision_ordinal 
_pdbx_audit_revision_category.data_content_type 
_pdbx_audit_revision_category.category 
1 2 'Structure model' citation        
2 2 'Structure model' citation_author 
# 
loop_
_pdbx_audit_revision_item.ordinal 
_pdbx_audit_revision_item.revision_ordinal 
_pdbx_audit_revision_item.data_content_type 
_pdbx_audit_revision_item.item 
1 2 'Structure model' '_citation.journal_volume'          
2 2 'Structure model' '_citation.page_first'              
3 2 'Structure model' '_citation.page_last'               
4 2 'Structure model' '_citation_author.identifier_ORCID' 
# 
loop_
_software.citation_id 
_software.classification 
_software.compiler_name 
_software.compiler_version 
_software.contact_author 
_software.contact_author_email 
_software.date 
_software.description 
_software.dependencies 
_software.hardware 
_software.language 
_software.location 
_software.mods 
_software.name 
_software.os 
_software.os_version 
_software.type 
_software.version 
_software.pdbx_ordinal 
? refinement       ? ? ? ? ? ? ? ? ? ? ? REFMAC ? ? ? 5.8.0352 1 
? 'data scaling'   ? ? ? ? ? ? ? ? ? ? ? XSCALE ? ? ? .        2 
? 'data reduction' ? ? ? ? ? ? ? ? ? ? ? XDS    ? ? ? .        3 
? phasing          ? ? ? ? ? ? ? ? ? ? ? SHELXT ? ? ? .        4 
# 
_pdbx_entry_details.entry_id                 8T89 
_pdbx_entry_details.has_ligand_of_interest   N 
_pdbx_entry_details.compound_details         ? 
_pdbx_entry_details.source_details           ? 
_pdbx_entry_details.nonpolymer_details       ? 
_pdbx_entry_details.sequence_details         ? 
# 
loop_
_chem_comp_atom.comp_id 
_chem_comp_atom.atom_id 
_chem_comp_atom.type_symbol 
_chem_comp_atom.pdbx_aromatic_flag 
_chem_comp_atom.pdbx_stereo_config 
_chem_comp_atom.pdbx_ordinal 
ALA N    N N N 1   
ALA CA   C N S 2   
ALA C    C N N 3   
ALA O    O N N 4   
ALA CB   C N N 5   
ALA OXT  O N N 6   
ALA H    H N N 7   
ALA H2   H N N 8   
ALA HA   H N N 9   
ALA HB1  H N N 10  
ALA HB2  H N N 11  
ALA HB3  H N N 12  
ALA HXT  H N N 13  
HOH O    O N N 14  
HOH H1   H N N 15  
HOH H2   H N N 16  
LEU N    N N N 17  
LEU CA   C N S 18  
LEU C    C N N 19  
LEU O    O N N 20  
LEU CB   C N N 21  
LEU CG   C N N 22  
LEU CD1  C N N 23  
LEU CD2  C N N 24  
LEU OXT  O N N 25  
LEU H    H N N 26  
LEU H2   H N N 27  
LEU HA   H N N 28  
LEU HB2  H N N 29  
LEU HB3  H N N 30  
LEU HG   H N N 31  
LEU HD11 H N N 32  
LEU HD12 H N N 33  
LEU HD13 H N N 34  
LEU HD21 H N N 35  
LEU HD22 H N N 36  
LEU HD23 H N N 37  
LEU HXT  H N N 38  
LYS N    N N N 39  
LYS CA   C N S 40  
LYS C    C N N 41  
LYS O    O N N 42  
LYS CB   C N N 43  
LYS CG   C N N 44  
LYS CD   C N N 45  
LYS CE   C N N 46  
LYS NZ   N N N 47  
LYS OXT  O N N 48  
LYS H    H N N 49  
LYS H2   H N N 50  
LYS HA   H N N 51  
LYS HB2  H N N 52  
LYS HB3  H N N 53  
LYS HG2  H N N 54  
LYS HG3  H N N 55  
LYS HD2  H N N 56  
LYS HD3  H N N 57  
LYS HE2  H N N 58  
LYS HE3  H N N 59  
LYS HZ1  H N N 60  
LYS HZ2  H N N 61  
LYS HZ3  H N N 62  
LYS HXT  H N N 63  
PHE N    N N N 64  
PHE CA   C N S 65  
PHE C    C N N 66  
PHE O    O N N 67  
PHE CB   C N N 68  
PHE CG   C Y N 69  
PHE CD1  C Y N 70  
PHE CD2  C Y N 71  
PHE CE1  C Y N 72  
PHE CE2  C Y N 73  
PHE CZ   C Y N 74  
PHE OXT  O N N 75  
PHE H    H N N 76  
PHE H2   H N N 77  
PHE HA   H N N 78  
PHE HB2  H N N 79  
PHE HB3  H N N 80  
PHE HD1  H N N 81  
PHE HD2  H N N 82  
PHE HE1  H N N 83  
PHE HE2  H N N 84  
PHE HZ   H N N 85  
PHE HXT  H N N 86  
TFA C1   C N N 87  
TFA C2   C N N 88  
TFA O    O N N 89  
TFA F1   F N N 90  
TFA F2   F N N 91  
TFA F3   F N N 92  
TFA OXT  O N N 93  
TFA HXT  H N N 94  
VAL N    N N N 95  
VAL CA   C N S 96  
VAL C    C N N 97  
VAL O    O N N 98  
VAL CB   C N N 99  
VAL CG1  C N N 100 
VAL CG2  C N N 101 
VAL OXT  O N N 102 
VAL H    H N N 103 
VAL H2   H N N 104 
VAL HA   H N N 105 
VAL HB   H N N 106 
VAL HG11 H N N 107 
VAL HG12 H N N 108 
VAL HG13 H N N 109 
VAL HG21 H N N 110 
VAL HG22 H N N 111 
VAL HG23 H N N 112 
VAL HXT  H N N 113 
# 
loop_
_chem_comp_bond.comp_id 
_chem_comp_bond.atom_id_1 
_chem_comp_bond.atom_id_2 
_chem_comp_bond.value_order 
_chem_comp_bond.pdbx_aromatic_flag 
_chem_comp_bond.pdbx_stereo_config 
_chem_comp_bond.pdbx_ordinal 
ALA N   CA   sing N N 1   
ALA N   H    sing N N 2   
ALA N   H2   sing N N 3   
ALA CA  C    sing N N 4   
ALA CA  CB   sing N N 5   
ALA CA  HA   sing N N 6   
ALA C   O    doub N N 7   
ALA C   OXT  sing N N 8   
ALA CB  HB1  sing N N 9   
ALA CB  HB2  sing N N 10  
ALA CB  HB3  sing N N 11  
ALA OXT HXT  sing N N 12  
HOH O   H1   sing N N 13  
HOH O   H2   sing N N 14  
LEU N   CA   sing N N 15  
LEU N   H    sing N N 16  
LEU N   H2   sing N N 17  
LEU CA  C    sing N N 18  
LEU CA  CB   sing N N 19  
LEU CA  HA   sing N N 20  
LEU C   O    doub N N 21  
LEU C   OXT  sing N N 22  
LEU CB  CG   sing N N 23  
LEU CB  HB2  sing N N 24  
LEU CB  HB3  sing N N 25  
LEU CG  CD1  sing N N 26  
LEU CG  CD2  sing N N 27  
LEU CG  HG   sing N N 28  
LEU CD1 HD11 sing N N 29  
LEU CD1 HD12 sing N N 30  
LEU CD1 HD13 sing N N 31  
LEU CD2 HD21 sing N N 32  
LEU CD2 HD22 sing N N 33  
LEU CD2 HD23 sing N N 34  
LEU OXT HXT  sing N N 35  
LYS N   CA   sing N N 36  
LYS N   H    sing N N 37  
LYS N   H2   sing N N 38  
LYS CA  C    sing N N 39  
LYS CA  CB   sing N N 40  
LYS CA  HA   sing N N 41  
LYS C   O    doub N N 42  
LYS C   OXT  sing N N 43  
LYS CB  CG   sing N N 44  
LYS CB  HB2  sing N N 45  
LYS CB  HB3  sing N N 46  
LYS CG  CD   sing N N 47  
LYS CG  HG2  sing N N 48  
LYS CG  HG3  sing N N 49  
LYS CD  CE   sing N N 50  
LYS CD  HD2  sing N N 51  
LYS CD  HD3  sing N N 52  
LYS CE  NZ   sing N N 53  
LYS CE  HE2  sing N N 54  
LYS CE  HE3  sing N N 55  
LYS NZ  HZ1  sing N N 56  
LYS NZ  HZ2  sing N N 57  
LYS NZ  HZ3  sing N N 58  
LYS OXT HXT  sing N N 59  
PHE N   CA   sing N N 60  
PHE N   H    sing N N 61  
PHE N   H2   sing N N 62  
PHE CA  C    sing N N 63  
PHE CA  CB   sing N N 64  
PHE CA  HA   sing N N 65  
PHE C   O    doub N N 66  
PHE C   OXT  sing N N 67  
PHE CB  CG   sing N N 68  
PHE CB  HB2  sing N N 69  
PHE CB  HB3  sing N N 70  
PHE CG  CD1  doub Y N 71  
PHE CG  CD2  sing Y N 72  
PHE CD1 CE1  sing Y N 73  
PHE CD1 HD1  sing N N 74  
PHE CD2 CE2  doub Y N 75  
PHE CD2 HD2  sing N N 76  
PHE CE1 CZ   doub Y N 77  
PHE CE1 HE1  sing N N 78  
PHE CE2 CZ   sing Y N 79  
PHE CE2 HE2  sing N N 80  
PHE CZ  HZ   sing N N 81  
PHE OXT HXT  sing N N 82  
TFA C1  C2   sing N N 83  
TFA C1  O    doub N N 84  
TFA C1  OXT  sing N N 85  
TFA C2  F1   sing N N 86  
TFA C2  F2   sing N N 87  
TFA C2  F3   sing N N 88  
TFA OXT HXT  sing N N 89  
VAL N   CA   sing N N 90  
VAL N   H    sing N N 91  
VAL N   H2   sing N N 92  
VAL CA  C    sing N N 93  
VAL CA  CB   sing N N 94  
VAL CA  HA   sing N N 95  
VAL C   O    doub N N 96  
VAL C   OXT  sing N N 97  
VAL CB  CG1  sing N N 98  
VAL CB  CG2  sing N N 99  
VAL CB  HB   sing N N 100 
VAL CG1 HG11 sing N N 101 
VAL CG1 HG12 sing N N 102 
VAL CG1 HG13 sing N N 103 
VAL CG2 HG21 sing N N 104 
VAL CG2 HG22 sing N N 105 
VAL CG2 HG23 sing N N 106 
VAL OXT HXT  sing N N 107 
# 
_pdbx_audit_support.funding_organization   'National Institutes of Health/National Institute on Aging (NIH/NIA)' 
_pdbx_audit_support.country                'United States' 
_pdbx_audit_support.grant_number           AG074954 
_pdbx_audit_support.ordinal                1 
# 
loop_
_pdbx_entity_nonpoly.entity_id 
_pdbx_entity_nonpoly.name 
_pdbx_entity_nonpoly.comp_id 
2 'trifluoroacetic acid' TFA 
3 water                  HOH 
# 
